data_7LHR
#
_entry.id   7LHR
#
_cell.length_a   77.414
_cell.length_b   77.414
_cell.length_c   204.352
_cell.angle_alpha   90.000
_cell.angle_beta   90.000
_cell.angle_gamma   90.000
#
_symmetry.space_group_name_H-M   'P 43 21 2'
#
loop_
_entity.id
_entity.type
_entity.pdbx_description
1 polymer 'Phosphoadenosine phosphosulfate reductase'
2 non-polymer 'IRON/SULFUR CLUSTER'
3 non-polymer '2-(N-MORPHOLINO)-ETHANESULFONIC ACID'
4 water water
#
_entity_poly.entity_id   1
_entity_poly.type   'polypeptide(L)'
_entity_poly.pdbx_seq_one_letter_code
;MSGETTRLTEPQLRELAARGAAELDGATATDMLRWTDETFGDIGGAGGGVSGHRGWTTCNYVVASNMADAVLVDLAAKVR
PGVPVIFLDTGYHFVETIGTRDAIESVYDVRVLNVTPEHTVAEQDELLGKDLFARNPHECCRLRKVVPLGKTLRGYSAWV
TGLRRVDAPTRANAPLVSFDETFKLVKVNPLAAWTDQDVQEYIADNDVLVNPLVREGYPSIGCAPCTAKPAEGADPRSGR
WQGLAKTECGLHASLEHHHHHH
;
_entity_poly.pdbx_strand_id   A,B
#
# COMPACT_ATOMS: atom_id res chain seq x y z
N THR A 5 -29.54 -1.65 24.33
CA THR A 5 -28.18 -1.53 23.80
C THR A 5 -27.24 -2.52 24.47
N THR A 6 -26.00 -2.57 23.98
CA THR A 6 -24.95 -3.43 24.53
C THR A 6 -23.72 -2.64 24.98
N ARG A 7 -23.92 -1.36 25.31
CA ARG A 7 -22.86 -0.53 25.85
C ARG A 7 -22.90 -0.54 27.37
N LEU A 8 -21.74 -0.34 27.98
CA LEU A 8 -21.70 -0.11 29.42
C LEU A 8 -22.07 1.33 29.72
N THR A 9 -22.52 1.56 30.95
CA THR A 9 -22.99 2.89 31.34
C THR A 9 -21.84 3.89 31.27
N GLU A 10 -22.20 5.14 30.97
CA GLU A 10 -21.20 6.19 30.82
C GLU A 10 -20.35 6.39 32.07
N PRO A 11 -20.92 6.49 33.28
CA PRO A 11 -20.05 6.61 34.45
C PRO A 11 -19.20 5.38 34.66
N GLN A 12 -19.76 4.19 34.45
CA GLN A 12 -18.98 2.96 34.53
C GLN A 12 -17.82 2.99 33.55
N LEU A 13 -18.09 3.43 32.32
CA LEU A 13 -17.03 3.46 31.31
C LEU A 13 -15.94 4.47 31.68
N ARG A 14 -16.34 5.64 32.19
CA ARG A 14 -15.34 6.63 32.59
C ARG A 14 -14.48 6.12 33.74
N GLU A 15 -15.11 5.49 34.73
CA GLU A 15 -14.34 4.94 35.85
C GLU A 15 -13.41 3.82 35.38
N LEU A 16 -13.88 2.97 34.46
CA LEU A 16 -13.03 1.91 33.94
C LEU A 16 -11.84 2.49 33.18
N ALA A 17 -12.08 3.53 32.38
CA ALA A 17 -11.00 4.17 31.65
C ALA A 17 -9.99 4.81 32.60
N ALA A 18 -10.47 5.45 33.66
CA ALA A 18 -9.56 6.05 34.64
C ALA A 18 -8.73 4.99 35.34
N ARG A 19 -9.37 3.90 35.78
CA ARG A 19 -8.64 2.84 36.45
C ARG A 19 -7.63 2.18 35.52
N GLY A 20 -7.99 1.99 34.25
CA GLY A 20 -7.05 1.40 33.31
C GLY A 20 -5.87 2.31 33.05
N ALA A 21 -6.11 3.60 32.85
CA ALA A 21 -5.03 4.55 32.62
C ALA A 21 -4.11 4.61 33.82
N ALA A 22 -4.66 4.50 35.03
CA ALA A 22 -3.83 4.54 36.22
C ALA A 22 -3.04 3.25 36.40
N GLU A 23 -3.65 2.11 36.06
CA GLU A 23 -3.04 0.81 36.31
C GLU A 23 -2.03 0.44 35.22
N LEU A 24 -2.23 0.92 34.00
CA LEU A 24 -1.36 0.57 32.87
C LEU A 24 -0.33 1.66 32.56
N ASP A 25 0.06 2.45 33.56
CA ASP A 25 1.01 3.52 33.34
C ASP A 25 2.37 2.93 33.02
N GLY A 26 2.78 3.00 31.75
CA GLY A 26 4.07 2.50 31.33
C GLY A 26 4.11 1.04 30.93
N ALA A 27 2.99 0.47 30.54
CA ALA A 27 2.92 -0.93 30.13
C ALA A 27 3.17 -1.05 28.63
N THR A 28 3.62 -2.24 28.22
CA THR A 28 3.84 -2.49 26.80
C THR A 28 2.51 -2.63 26.09
N ALA A 29 2.57 -2.63 24.75
CA ALA A 29 1.36 -2.71 23.96
C ALA A 29 0.62 -4.02 24.23
N THR A 30 1.35 -5.11 24.44
CA THR A 30 0.69 -6.38 24.70
C THR A 30 -0.03 -6.35 26.04
N ASP A 31 0.54 -5.68 27.05
CA ASP A 31 -0.12 -5.60 28.34
C ASP A 31 -1.42 -4.80 28.25
N MET A 32 -1.42 -3.71 27.48
CA MET A 32 -2.65 -2.94 27.32
C MET A 32 -3.73 -3.76 26.62
N LEU A 33 -3.35 -4.50 25.58
CA LEU A 33 -4.32 -5.34 24.88
C LEU A 33 -4.81 -6.48 25.78
N ARG A 34 -3.92 -7.03 26.60
CA ARG A 34 -4.34 -8.07 27.54
C ARG A 34 -5.36 -7.52 28.53
N TRP A 35 -5.13 -6.31 29.05
CA TRP A 35 -6.10 -5.71 29.96
C TRP A 35 -7.42 -5.45 29.25
N THR A 36 -7.38 -4.94 28.03
CA THR A 36 -8.60 -4.70 27.27
C THR A 36 -9.38 -5.98 27.04
N ASP A 37 -8.69 -7.07 26.72
CA ASP A 37 -9.37 -8.33 26.48
C ASP A 37 -9.93 -8.90 27.77
N GLU A 38 -9.19 -8.74 28.87
CA GLU A 38 -9.67 -9.26 30.15
C GLU A 38 -10.87 -8.46 30.65
N THR A 39 -10.96 -7.19 30.29
CA THR A 39 -12.07 -6.37 30.75
C THR A 39 -13.30 -6.57 29.89
N PHE A 40 -13.17 -6.37 28.58
CA PHE A 40 -14.29 -6.37 27.64
C PHE A 40 -14.32 -7.61 26.75
N GLY A 41 -14.05 -8.78 27.32
CA GLY A 41 -13.95 -9.99 26.52
C GLY A 41 -15.19 -10.82 26.28
N ASP A 42 -16.07 -10.94 27.27
CA ASP A 42 -17.25 -11.79 27.13
C ASP A 42 -18.48 -11.07 27.63
N ILE A 43 -19.61 -11.78 27.62
CA ILE A 43 -20.91 -11.25 28.03
C ILE A 43 -21.22 -9.93 27.33
N TRP A 56 -15.79 -16.28 19.26
CA TRP A 56 -14.71 -15.31 19.38
C TRP A 56 -15.11 -13.95 18.80
N THR A 57 -15.98 -13.96 17.79
CA THR A 57 -16.54 -12.71 17.28
C THR A 57 -17.50 -12.08 18.30
N THR A 58 -18.02 -12.86 19.24
CA THR A 58 -18.87 -12.34 20.31
C THR A 58 -17.97 -11.60 21.30
N CYS A 59 -17.68 -10.34 20.97
CA CYS A 59 -16.72 -9.54 21.70
C CYS A 59 -17.35 -8.19 22.05
N ASN A 60 -16.75 -7.51 23.01
CA ASN A 60 -17.24 -6.22 23.46
C ASN A 60 -16.22 -5.10 23.24
N TYR A 61 -15.10 -5.39 22.60
CA TYR A 61 -14.12 -4.38 22.20
C TYR A 61 -13.66 -4.68 20.79
N VAL A 62 -13.37 -3.61 20.04
CA VAL A 62 -13.07 -3.71 18.62
C VAL A 62 -11.78 -2.94 18.32
N VAL A 63 -11.11 -3.33 17.23
CA VAL A 63 -9.85 -2.73 16.82
C VAL A 63 -10.05 -2.01 15.50
N ALA A 64 -9.44 -0.84 15.37
CA ALA A 64 -9.55 -0.03 14.16
C ALA A 64 -8.19 0.12 13.50
N SER A 65 -8.17 0.03 12.17
CA SER A 65 -6.94 0.10 11.41
C SER A 65 -7.21 0.86 10.12
N ASN A 66 -6.16 1.54 9.65
CA ASN A 66 -6.18 2.23 8.36
C ASN A 66 -5.54 1.39 7.25
N MET A 67 -5.17 0.15 7.55
CA MET A 67 -4.57 -0.78 6.58
C MET A 67 -3.26 -0.26 6.01
N ALA A 68 -2.56 0.59 6.77
CA ALA A 68 -1.20 0.95 6.39
C ALA A 68 -0.19 -0.12 6.75
N ASP A 69 -0.49 -0.95 7.74
CA ASP A 69 0.35 -2.07 8.16
C ASP A 69 -0.50 -2.96 9.05
N ALA A 70 0.09 -4.06 9.50
CA ALA A 70 -0.64 -5.03 10.32
C ALA A 70 0.02 -5.22 11.68
N VAL A 71 0.60 -4.15 12.23
CA VAL A 71 1.27 -4.26 13.53
C VAL A 71 0.25 -4.46 14.64
N LEU A 72 -0.62 -3.47 14.82
CA LEU A 72 -1.67 -3.57 15.82
C LEU A 72 -2.58 -4.76 15.55
N VAL A 73 -2.82 -5.07 14.28
CA VAL A 73 -3.63 -6.24 13.95
C VAL A 73 -2.94 -7.52 14.39
N ASP A 74 -1.64 -7.64 14.13
CA ASP A 74 -0.91 -8.83 14.57
C ASP A 74 -0.94 -8.96 16.08
N LEU A 75 -0.73 -7.85 16.80
CA LEU A 75 -0.74 -7.90 18.26
C LEU A 75 -2.12 -8.30 18.80
N ALA A 76 -3.18 -7.69 18.27
CA ALA A 76 -4.52 -8.00 18.74
C ALA A 76 -4.91 -9.44 18.44
N ALA A 77 -4.47 -9.97 17.30
CA ALA A 77 -4.75 -11.37 17.00
C ALA A 77 -3.93 -12.30 17.90
N LYS A 78 -2.72 -11.89 18.27
CA LYS A 78 -1.91 -12.72 19.16
C LYS A 78 -2.53 -12.78 20.56
N VAL A 79 -3.11 -11.67 21.01
CA VAL A 79 -3.73 -11.70 22.35
C VAL A 79 -5.14 -12.27 22.30
N ARG A 80 -5.82 -12.16 21.16
CA ARG A 80 -7.21 -12.63 21.03
C ARG A 80 -7.45 -13.04 19.59
N PRO A 81 -7.45 -14.33 19.30
CA PRO A 81 -7.76 -14.79 17.94
C PRO A 81 -9.22 -14.49 17.59
N GLY A 82 -9.46 -14.27 16.31
CA GLY A 82 -10.79 -13.93 15.85
C GLY A 82 -11.28 -12.57 16.30
N VAL A 83 -10.37 -11.69 16.70
CA VAL A 83 -10.78 -10.37 17.19
C VAL A 83 -11.38 -9.57 16.03
N PRO A 84 -12.42 -8.78 16.27
CA PRO A 84 -12.97 -7.94 15.20
C PRO A 84 -12.13 -6.70 14.95
N VAL A 85 -11.96 -6.37 13.67
CA VAL A 85 -11.17 -5.21 13.24
C VAL A 85 -11.99 -4.45 12.21
N ILE A 86 -12.22 -3.16 12.44
CA ILE A 86 -13.05 -2.35 11.57
C ILE A 86 -12.16 -1.60 10.57
N PHE A 87 -12.63 -1.52 9.33
CA PHE A 87 -11.99 -0.74 8.28
C PHE A 87 -13.01 0.20 7.67
N LEU A 88 -12.68 1.49 7.63
CA LEU A 88 -13.59 2.51 7.13
C LEU A 88 -13.43 2.63 5.61
N ASP A 89 -14.27 1.89 4.87
CA ASP A 89 -14.22 1.90 3.40
C ASP A 89 -15.06 3.08 2.92
N THR A 90 -14.40 4.22 2.72
CA THR A 90 -15.08 5.43 2.28
C THR A 90 -15.41 5.43 0.80
N GLY A 91 -15.02 4.39 0.05
CA GLY A 91 -15.21 4.39 -1.38
C GLY A 91 -14.22 5.23 -2.16
N TYR A 92 -13.32 5.93 -1.48
CA TYR A 92 -12.27 6.73 -2.10
C TYR A 92 -10.89 6.12 -1.86
N HIS A 93 -10.82 4.84 -1.52
CA HIS A 93 -9.56 4.23 -1.14
C HIS A 93 -8.73 3.84 -2.36
N PHE A 94 -7.42 3.73 -2.13
CA PHE A 94 -6.54 3.15 -3.13
C PHE A 94 -6.85 1.67 -3.31
N VAL A 95 -6.59 1.18 -4.53
CA VAL A 95 -6.73 -0.25 -4.75
C VAL A 95 -5.73 -1.02 -3.90
N GLU A 96 -4.56 -0.44 -3.67
CA GLU A 96 -3.55 -1.10 -2.84
C GLU A 96 -4.01 -1.20 -1.39
N THR A 97 -4.75 -0.21 -0.89
CA THR A 97 -5.24 -0.29 0.49
C THR A 97 -6.29 -1.38 0.64
N ILE A 98 -7.18 -1.50 -0.36
CA ILE A 98 -8.18 -2.57 -0.30
C ILE A 98 -7.50 -3.93 -0.44
N GLY A 99 -6.44 -4.01 -1.27
CA GLY A 99 -5.69 -5.25 -1.39
C GLY A 99 -4.98 -5.63 -0.09
N THR A 100 -4.44 -4.62 0.61
CA THR A 100 -3.85 -4.87 1.92
C THR A 100 -4.91 -5.33 2.92
N ARG A 101 -6.10 -4.74 2.87
CA ARG A 101 -7.19 -5.17 3.74
C ARG A 101 -7.53 -6.63 3.50
N ASP A 102 -7.68 -7.02 2.23
CA ASP A 102 -8.00 -8.41 1.91
C ASP A 102 -6.88 -9.35 2.34
N ALA A 103 -5.62 -8.93 2.14
CA ALA A 103 -4.49 -9.77 2.53
C ALA A 103 -4.49 -10.01 4.03
N ILE A 104 -4.74 -8.95 4.82
CA ILE A 104 -4.77 -9.12 6.27
C ILE A 104 -5.93 -10.00 6.69
N GLU A 105 -7.09 -9.85 6.05
CA GLU A 105 -8.23 -10.71 6.39
C GLU A 105 -7.94 -12.17 6.08
N SER A 106 -7.25 -12.44 4.97
CA SER A 106 -6.97 -13.83 4.59
C SER A 106 -5.85 -14.44 5.41
N VAL A 107 -4.87 -13.64 5.84
CA VAL A 107 -3.70 -14.15 6.54
C VAL A 107 -3.99 -14.28 8.03
N TYR A 108 -4.36 -13.17 8.65
CA TYR A 108 -4.43 -13.13 10.11
C TYR A 108 -5.73 -13.72 10.61
N ASP A 109 -5.71 -14.19 11.86
CA ASP A 109 -6.88 -14.74 12.52
C ASP A 109 -7.68 -13.58 13.10
N VAL A 110 -8.34 -12.86 12.19
CA VAL A 110 -9.07 -11.64 12.52
C VAL A 110 -10.38 -11.60 11.75
N ARG A 111 -11.46 -11.19 12.43
CA ARG A 111 -12.75 -10.97 11.80
C ARG A 111 -12.79 -9.53 11.30
N VAL A 112 -12.68 -9.36 9.99
CA VAL A 112 -12.65 -8.02 9.40
C VAL A 112 -14.08 -7.53 9.18
N LEU A 113 -14.29 -6.23 9.39
CA LEU A 113 -15.59 -5.61 9.24
C LEU A 113 -15.44 -4.41 8.32
N ASN A 114 -16.18 -4.41 7.22
CA ASN A 114 -16.11 -3.34 6.24
C ASN A 114 -17.18 -2.32 6.59
N VAL A 115 -16.78 -1.26 7.30
CA VAL A 115 -17.69 -0.19 7.66
C VAL A 115 -17.83 0.75 6.46
N THR A 116 -19.02 0.76 5.87
CA THR A 116 -19.26 1.57 4.69
C THR A 116 -20.37 2.59 4.95
N PRO A 117 -20.26 3.78 4.39
CA PRO A 117 -21.35 4.76 4.51
C PRO A 117 -22.59 4.28 3.77
N GLU A 118 -23.74 4.84 4.16
CA GLU A 118 -25.00 4.41 3.57
C GLU A 118 -25.16 4.89 2.13
N HIS A 119 -24.36 5.86 1.70
CA HIS A 119 -24.42 6.38 0.34
C HIS A 119 -23.10 6.14 -0.37
N THR A 120 -23.19 5.62 -1.60
CA THR A 120 -22.01 5.37 -2.41
C THR A 120 -21.42 6.69 -2.90
N VAL A 121 -20.25 6.59 -3.54
CA VAL A 121 -19.61 7.79 -4.10
C VAL A 121 -20.52 8.43 -5.14
N ALA A 122 -21.09 7.63 -6.03
CA ALA A 122 -21.98 8.16 -7.05
C ALA A 122 -23.23 8.78 -6.42
N GLU A 123 -23.78 8.11 -5.40
CA GLU A 123 -24.97 8.63 -4.73
C GLU A 123 -24.69 9.97 -4.05
N GLN A 124 -23.57 10.06 -3.32
CA GLN A 124 -23.23 11.33 -2.68
C GLN A 124 -22.94 12.41 -3.71
N ASP A 125 -22.31 12.04 -4.83
CA ASP A 125 -22.04 13.02 -5.88
C ASP A 125 -23.33 13.57 -6.47
N GLU A 126 -24.31 12.70 -6.71
CA GLU A 126 -25.56 13.16 -7.30
C GLU A 126 -26.42 13.91 -6.29
N LEU A 127 -26.35 13.55 -5.01
CA LEU A 127 -27.22 14.16 -4.01
C LEU A 127 -26.65 15.44 -3.41
N LEU A 128 -25.33 15.60 -3.40
CA LEU A 128 -24.71 16.73 -2.72
C LEU A 128 -23.58 17.33 -3.55
N GLY A 129 -23.66 17.23 -4.87
CA GLY A 129 -22.62 17.78 -5.72
C GLY A 129 -21.48 16.82 -5.95
N LYS A 130 -21.02 16.73 -7.19
CA LYS A 130 -19.95 15.81 -7.54
C LYS A 130 -18.65 16.22 -6.85
N ASP A 131 -17.92 15.21 -6.35
CA ASP A 131 -16.65 15.41 -5.66
C ASP A 131 -16.83 16.35 -4.46
N LEU A 132 -17.64 15.91 -3.51
CA LEU A 132 -17.88 16.72 -2.32
C LEU A 132 -16.61 16.90 -1.49
N PHE A 133 -15.63 16.00 -1.65
CA PHE A 133 -14.39 16.12 -0.88
C PHE A 133 -13.65 17.40 -1.23
N ALA A 134 -13.76 17.85 -2.48
CA ALA A 134 -13.03 19.05 -2.92
C ALA A 134 -13.78 20.31 -2.57
N ARG A 135 -15.12 20.25 -2.53
CA ARG A 135 -15.93 21.42 -2.25
C ARG A 135 -16.10 21.66 -0.75
N ASN A 136 -16.15 20.59 0.04
CA ASN A 136 -16.18 20.70 1.50
C ASN A 136 -15.63 19.41 2.11
N PRO A 137 -14.33 19.36 2.43
CA PRO A 137 -13.75 18.11 2.92
C PRO A 137 -14.22 17.72 4.31
N HIS A 138 -14.53 18.70 5.17
CA HIS A 138 -14.96 18.36 6.53
C HIS A 138 -16.26 17.58 6.51
N GLU A 139 -17.23 18.02 5.70
CA GLU A 139 -18.49 17.30 5.63
C GLU A 139 -18.32 15.93 4.98
N CYS A 140 -17.43 15.81 4.00
CA CYS A 140 -17.18 14.50 3.41
C CYS A 140 -16.62 13.54 4.45
N CYS A 141 -15.64 14.00 5.23
CA CYS A 141 -15.07 13.18 6.29
C CYS A 141 -16.12 12.83 7.33
N ARG A 142 -16.98 13.79 7.68
CA ARG A 142 -18.02 13.54 8.66
C ARG A 142 -19.02 12.50 8.16
N LEU A 143 -19.38 12.57 6.88
CA LEU A 143 -20.39 11.67 6.33
C LEU A 143 -19.85 10.28 6.10
N ARG A 144 -18.62 10.15 5.60
CA ARG A 144 -18.11 8.86 5.18
C ARG A 144 -17.21 8.19 6.20
N LYS A 145 -16.67 8.93 7.18
CA LYS A 145 -15.84 8.33 8.21
C LYS A 145 -16.44 8.46 9.60
N VAL A 146 -16.78 9.68 10.03
CA VAL A 146 -17.15 9.89 11.42
C VAL A 146 -18.51 9.26 11.71
N VAL A 147 -19.50 9.53 10.88
CA VAL A 147 -20.83 8.98 11.13
C VAL A 147 -20.86 7.45 11.04
N PRO A 148 -20.29 6.82 9.99
CA PRO A 148 -20.29 5.34 9.99
C PRO A 148 -19.50 4.75 11.15
N LEU A 149 -18.37 5.37 11.50
CA LEU A 149 -17.60 4.89 12.64
C LEU A 149 -18.42 4.95 13.92
N GLY A 150 -19.16 6.05 14.12
CA GLY A 150 -19.98 6.15 15.31
C GLY A 150 -21.13 5.15 15.30
N LYS A 151 -21.76 4.96 14.16
CA LYS A 151 -22.85 3.99 14.08
C LYS A 151 -22.33 2.57 14.35
N THR A 152 -21.09 2.29 13.98
CA THR A 152 -20.53 0.96 14.24
C THR A 152 -20.10 0.79 15.70
N LEU A 153 -19.47 1.82 16.28
CA LEU A 153 -18.98 1.74 17.65
C LEU A 153 -20.11 1.72 18.67
N ARG A 154 -21.32 2.12 18.28
CA ARG A 154 -22.46 2.01 19.18
C ARG A 154 -22.72 0.53 19.40
N GLY A 155 -22.31 0.03 20.56
CA GLY A 155 -22.41 -1.39 20.85
C GLY A 155 -21.16 -1.94 21.48
N TYR A 156 -20.03 -1.29 21.26
CA TYR A 156 -18.75 -1.67 21.85
C TYR A 156 -18.39 -0.72 22.98
N SER A 157 -17.93 -1.27 24.11
CA SER A 157 -17.57 -0.44 25.26
C SER A 157 -16.18 0.15 25.15
N ALA A 158 -15.30 -0.40 24.31
CA ALA A 158 -13.96 0.11 24.15
C ALA A 158 -13.50 -0.18 22.73
N TRP A 159 -12.55 0.62 22.25
CA TRP A 159 -11.98 0.43 20.92
C TRP A 159 -10.50 0.78 20.96
N VAL A 160 -9.72 0.04 20.15
CA VAL A 160 -8.26 0.13 20.15
C VAL A 160 -7.81 0.75 18.83
N THR A 161 -6.90 1.71 18.91
CA THR A 161 -6.35 2.38 17.74
C THR A 161 -4.83 2.31 17.75
N GLY A 162 -4.25 2.44 16.56
CA GLY A 162 -2.81 2.44 16.42
C GLY A 162 -2.20 3.82 16.46
N LEU A 163 -2.80 4.70 17.26
CA LEU A 163 -2.29 6.06 17.39
C LEU A 163 -0.95 6.06 18.12
N ARG A 164 0.03 6.72 17.52
CA ARG A 164 1.32 6.93 18.13
C ARG A 164 1.48 8.41 18.45
N ARG A 165 2.07 8.71 19.61
CA ARG A 165 2.24 10.10 20.01
C ARG A 165 3.17 10.86 19.08
N VAL A 166 3.96 10.17 18.25
CA VAL A 166 4.85 10.84 17.31
C VAL A 166 4.16 11.22 16.02
N ASP A 167 2.87 10.90 15.87
CA ASP A 167 2.15 11.18 14.63
C ASP A 167 2.09 12.67 14.32
N ALA A 168 1.99 13.50 15.36
CA ALA A 168 1.90 14.95 15.18
C ALA A 168 2.30 15.62 16.48
N PRO A 169 2.75 16.88 16.43
CA PRO A 169 3.05 17.59 17.69
C PRO A 169 1.83 17.78 18.55
N THR A 170 0.65 17.85 17.94
CA THR A 170 -0.58 17.96 18.69
C THR A 170 -0.98 16.66 19.36
N ARG A 171 -0.40 15.54 18.92
CA ARG A 171 -0.70 14.23 19.47
C ARG A 171 0.33 13.80 20.51
N ALA A 172 1.15 14.75 21.00
CA ALA A 172 2.28 14.40 21.85
C ALA A 172 1.85 13.85 23.20
N ASN A 173 0.66 14.25 23.68
CA ASN A 173 0.15 13.80 24.97
C ASN A 173 -0.94 12.76 24.82
N ALA A 174 -0.94 11.99 23.74
CA ALA A 174 -1.96 10.98 23.52
C ALA A 174 -1.95 9.97 24.67
N PRO A 175 -3.06 9.78 25.38
CA PRO A 175 -3.07 8.90 26.54
C PRO A 175 -3.15 7.43 26.17
N LEU A 176 -2.62 6.60 27.09
CA LEU A 176 -2.71 5.16 26.90
C LEU A 176 -4.17 4.72 26.94
N VAL A 177 -4.91 5.12 27.97
CA VAL A 177 -6.33 4.82 28.11
C VAL A 177 -7.06 6.11 28.46
N SER A 178 -8.19 6.34 27.81
CA SER A 178 -9.00 7.52 28.08
C SER A 178 -10.45 7.23 27.70
N PHE A 179 -11.29 8.23 27.86
CA PHE A 179 -12.69 8.14 27.49
C PHE A 179 -12.92 9.03 26.27
N ASP A 180 -13.07 8.40 25.11
CA ASP A 180 -13.41 9.12 23.90
C ASP A 180 -14.78 9.76 24.04
N GLU A 181 -14.80 11.09 23.98
CA GLU A 181 -16.03 11.86 24.09
C GLU A 181 -16.80 11.91 22.78
N THR A 182 -16.11 11.80 21.64
CA THR A 182 -16.78 11.86 20.36
C THR A 182 -17.76 10.71 20.18
N PHE A 183 -17.35 9.50 20.56
CA PHE A 183 -18.22 8.33 20.49
C PHE A 183 -18.63 7.82 21.86
N LYS A 184 -18.14 8.44 22.93
CA LYS A 184 -18.55 8.12 24.29
C LYS A 184 -18.27 6.64 24.63
N LEU A 185 -16.98 6.30 24.63
CA LEU A 185 -16.56 4.95 25.02
C LEU A 185 -15.10 5.00 25.48
N VAL A 186 -14.48 3.84 25.63
CA VAL A 186 -13.10 3.76 26.11
C VAL A 186 -12.19 3.65 24.90
N LYS A 187 -11.11 4.45 24.90
CA LYS A 187 -10.12 4.48 23.81
C LYS A 187 -8.77 4.13 24.39
N VAL A 188 -8.12 3.12 23.83
CA VAL A 188 -6.81 2.66 24.29
C VAL A 188 -5.85 2.66 23.11
N ASN A 189 -4.67 3.27 23.31
CA ASN A 189 -3.64 3.41 22.28
C ASN A 189 -2.39 2.66 22.69
N PRO A 190 -2.26 1.39 22.29
CA PRO A 190 -1.06 0.63 22.71
C PRO A 190 0.21 1.14 22.08
N LEU A 191 0.15 1.60 20.84
CA LEU A 191 1.33 2.07 20.12
C LEU A 191 1.64 3.53 20.37
N ALA A 192 1.08 4.11 21.43
CA ALA A 192 1.30 5.54 21.69
C ALA A 192 2.76 5.83 21.95
N ALA A 193 3.39 5.04 22.83
CA ALA A 193 4.79 5.26 23.18
C ALA A 193 5.75 4.76 22.12
N TRP A 194 5.25 4.17 21.04
CA TRP A 194 6.11 3.59 20.02
C TRP A 194 6.69 4.67 19.12
N THR A 195 7.96 4.49 18.74
CA THR A 195 8.64 5.36 17.81
C THR A 195 8.69 4.68 16.43
N ASP A 196 9.25 5.40 15.46
CA ASP A 196 9.41 4.83 14.13
C ASP A 196 10.35 3.64 14.15
N GLN A 197 11.44 3.74 14.92
CA GLN A 197 12.36 2.61 15.05
C GLN A 197 11.67 1.42 15.71
N ASP A 198 10.77 1.69 16.66
CA ASP A 198 10.04 0.61 17.31
C ASP A 198 9.22 -0.19 16.31
N VAL A 199 8.39 0.51 15.53
CA VAL A 199 7.53 -0.19 14.58
C VAL A 199 8.37 -0.85 13.49
N GLN A 200 9.48 -0.21 13.10
CA GLN A 200 10.34 -0.81 12.09
C GLN A 200 10.91 -2.14 12.56
N GLU A 201 11.48 -2.16 13.78
CA GLU A 201 12.04 -3.40 14.31
C GLU A 201 10.96 -4.45 14.51
N TYR A 202 9.76 -4.03 14.90
CA TYR A 202 8.69 -5.02 15.08
C TYR A 202 8.29 -5.65 13.76
N ILE A 203 8.15 -4.84 12.72
CA ILE A 203 7.80 -5.37 11.40
C ILE A 203 8.89 -6.31 10.90
N ALA A 204 10.15 -5.94 11.16
CA ALA A 204 11.27 -6.77 10.73
C ALA A 204 11.24 -8.12 11.45
N ASP A 205 11.04 -8.10 12.77
CA ASP A 205 11.13 -9.31 13.56
C ASP A 205 9.88 -10.19 13.44
N ASN A 206 8.76 -9.67 12.94
CA ASN A 206 7.54 -10.46 12.85
C ASN A 206 7.04 -10.70 11.44
N ASP A 207 7.65 -10.09 10.42
CA ASP A 207 7.27 -10.28 9.02
C ASP A 207 5.78 -10.04 8.80
N VAL A 208 5.32 -8.86 9.23
CA VAL A 208 3.91 -8.48 9.11
C VAL A 208 3.71 -7.73 7.79
N LEU A 209 2.50 -7.79 7.26
CA LEU A 209 2.22 -7.19 5.97
C LEU A 209 2.21 -5.66 6.07
N VAL A 210 2.56 -5.02 4.95
CA VAL A 210 2.63 -3.57 4.86
C VAL A 210 2.01 -3.15 3.54
N ASN A 211 1.26 -2.05 3.57
CA ASN A 211 0.64 -1.52 2.36
C ASN A 211 1.72 -1.18 1.34
N PRO A 212 1.61 -1.64 0.09
CA PRO A 212 2.64 -1.34 -0.91
C PRO A 212 2.91 0.13 -1.09
N LEU A 213 1.88 0.98 -0.93
CA LEU A 213 2.08 2.41 -1.11
C LEU A 213 3.05 2.98 -0.09
N VAL A 214 3.11 2.38 1.10
CA VAL A 214 4.10 2.79 2.08
C VAL A 214 5.51 2.54 1.55
N ARG A 215 5.72 1.41 0.88
CA ARG A 215 6.99 1.14 0.23
C ARG A 215 7.26 2.11 -0.91
N GLU A 216 6.21 2.66 -1.52
CA GLU A 216 6.35 3.55 -2.67
C GLU A 216 6.43 5.02 -2.28
N GLY A 217 7.03 5.32 -1.13
CA GLY A 217 7.22 6.69 -0.70
C GLY A 217 5.96 7.43 -0.33
N TYR A 218 5.26 6.93 0.70
CA TYR A 218 4.06 7.57 1.20
C TYR A 218 4.12 7.65 2.72
N PRO A 219 4.14 8.86 3.29
CA PRO A 219 4.18 8.96 4.75
C PRO A 219 2.92 8.42 5.41
N SER A 220 1.76 8.87 4.94
CA SER A 220 0.49 8.39 5.43
C SER A 220 -0.34 7.85 4.28
N ILE A 221 -1.35 7.04 4.62
CA ILE A 221 -2.22 6.43 3.63
C ILE A 221 -3.66 6.69 4.06
N GLY A 222 -4.39 7.43 3.23
CA GLY A 222 -5.79 7.67 3.47
C GLY A 222 -6.60 7.51 2.21
N CYS A 223 -7.64 8.34 2.05
CA CYS A 223 -8.40 8.35 0.81
C CYS A 223 -7.54 8.84 -0.34
N ALA A 224 -7.80 8.31 -1.53
CA ALA A 224 -7.00 8.66 -2.69
C ALA A 224 -7.05 10.15 -3.05
N PRO A 225 -8.20 10.83 -3.04
CA PRO A 225 -8.19 12.26 -3.39
C PRO A 225 -7.57 13.16 -2.33
N CYS A 226 -7.46 12.71 -1.09
CA CYS A 226 -6.97 13.53 0.01
C CYS A 226 -5.67 12.98 0.57
N THR A 227 -4.77 12.54 -0.30
CA THR A 227 -3.46 12.04 0.12
C THR A 227 -2.37 12.77 -0.66
N ALA A 228 -1.41 13.33 0.08
CA ALA A 228 -0.35 14.15 -0.50
C ALA A 228 0.57 13.29 -1.36
N LYS A 229 0.58 13.56 -2.66
CA LYS A 229 1.49 12.85 -3.54
C LYS A 229 2.91 13.33 -3.30
N PRO A 230 3.89 12.42 -3.20
CA PRO A 230 5.30 12.76 -2.89
C PRO A 230 5.99 13.52 -4.01
N LEU B 8 -3.34 15.51 -23.77
CA LEU B 8 -4.08 14.57 -22.94
C LEU B 8 -4.71 15.30 -21.74
N THR B 9 -5.79 14.72 -21.19
CA THR B 9 -6.50 15.35 -20.09
C THR B 9 -6.89 14.29 -19.07
N GLU B 10 -6.97 14.71 -17.81
CA GLU B 10 -7.26 13.77 -16.72
C GLU B 10 -8.60 13.05 -16.88
N PRO B 11 -9.72 13.73 -17.17
CA PRO B 11 -10.97 12.96 -17.37
C PRO B 11 -10.91 12.02 -18.55
N GLN B 12 -10.30 12.46 -19.65
CA GLN B 12 -10.11 11.57 -20.79
C GLN B 12 -9.30 10.35 -20.40
N LEU B 13 -8.23 10.55 -19.63
CA LEU B 13 -7.39 9.43 -19.23
C LEU B 13 -8.16 8.48 -18.32
N ARG B 14 -8.96 9.01 -17.39
CA ARG B 14 -9.74 8.15 -16.52
C ARG B 14 -10.76 7.35 -17.30
N GLU B 15 -11.45 7.99 -18.26
CA GLU B 15 -12.43 7.28 -19.06
C GLU B 15 -11.75 6.20 -19.92
N LEU B 16 -10.58 6.51 -20.47
CA LEU B 16 -9.86 5.52 -21.27
C LEU B 16 -9.42 4.35 -20.41
N ALA B 17 -8.95 4.61 -19.19
CA ALA B 17 -8.56 3.53 -18.29
C ALA B 17 -9.75 2.66 -17.93
N ALA B 18 -10.90 3.28 -17.67
CA ALA B 18 -12.10 2.50 -17.37
C ALA B 18 -12.51 1.64 -18.56
N ARG B 19 -12.48 2.21 -19.76
CA ARG B 19 -12.84 1.45 -20.96
C ARG B 19 -11.88 0.30 -21.18
N GLY B 20 -10.59 0.51 -20.93
CA GLY B 20 -9.63 -0.57 -21.09
C GLY B 20 -9.83 -1.68 -20.08
N ALA B 21 -10.08 -1.31 -18.82
CA ALA B 21 -10.34 -2.33 -17.80
C ALA B 21 -11.60 -3.12 -18.12
N ALA B 22 -12.62 -2.46 -18.70
CA ALA B 22 -13.85 -3.16 -19.02
C ALA B 22 -13.70 -4.07 -20.24
N GLU B 23 -12.96 -3.62 -21.25
CA GLU B 23 -12.85 -4.38 -22.49
C GLU B 23 -11.84 -5.52 -22.39
N LEU B 24 -10.81 -5.36 -21.55
CA LEU B 24 -9.74 -6.34 -21.42
C LEU B 24 -9.93 -7.23 -20.20
N ASP B 25 -11.17 -7.46 -19.78
CA ASP B 25 -11.43 -8.22 -18.57
C ASP B 25 -10.99 -9.68 -18.70
N GLY B 26 -10.77 -10.18 -19.90
CA GLY B 26 -10.32 -11.55 -20.07
C GLY B 26 -9.32 -11.73 -21.19
N ALA B 27 -8.61 -10.67 -21.55
CA ALA B 27 -7.66 -10.75 -22.67
C ALA B 27 -6.27 -11.15 -22.18
N THR B 28 -5.49 -11.73 -23.10
CA THR B 28 -4.13 -12.11 -22.80
C THR B 28 -3.23 -10.87 -22.75
N ALA B 29 -2.00 -11.09 -22.27
CA ALA B 29 -1.05 -9.98 -22.13
C ALA B 29 -0.73 -9.35 -23.47
N THR B 30 -0.65 -10.16 -24.53
CA THR B 30 -0.35 -9.60 -25.84
C THR B 30 -1.49 -8.71 -26.32
N ASP B 31 -2.73 -9.10 -26.04
CA ASP B 31 -3.86 -8.26 -26.41
C ASP B 31 -3.84 -6.96 -25.63
N MET B 32 -3.47 -7.02 -24.35
CA MET B 32 -3.38 -5.81 -23.54
C MET B 32 -2.31 -4.86 -24.09
N LEU B 33 -1.17 -5.41 -24.50
CA LEU B 33 -0.12 -4.57 -25.07
C LEU B 33 -0.56 -3.99 -26.41
N ARG B 34 -1.28 -4.77 -27.21
CA ARG B 34 -1.80 -4.25 -28.47
C ARG B 34 -2.76 -3.09 -28.23
N TRP B 35 -3.63 -3.21 -27.23
CA TRP B 35 -4.53 -2.11 -26.89
C TRP B 35 -3.75 -0.89 -26.42
N THR B 36 -2.72 -1.09 -25.59
CA THR B 36 -1.91 0.02 -25.13
C THR B 36 -1.23 0.74 -26.28
N ASP B 37 -0.71 -0.01 -27.24
CA ASP B 37 -0.01 0.60 -28.37
C ASP B 37 -0.99 1.30 -29.30
N GLU B 38 -2.17 0.71 -29.51
CA GLU B 38 -3.16 1.34 -30.40
C GLU B 38 -3.76 2.59 -29.78
N THR B 39 -3.83 2.64 -28.44
CA THR B 39 -4.43 3.80 -27.77
C THR B 39 -3.43 4.94 -27.63
N PHE B 40 -2.26 4.65 -27.07
CA PHE B 40 -1.27 5.68 -26.72
C PHE B 40 -0.17 5.81 -27.76
N GLY B 41 -0.58 5.97 -29.03
CA GLY B 41 0.37 6.10 -30.12
C GLY B 41 0.76 7.55 -30.32
N ASP B 42 -0.20 8.44 -30.06
CA ASP B 42 0.01 9.88 -30.23
C ASP B 42 -0.52 10.65 -29.02
N THR B 58 9.56 9.62 -29.48
CA THR B 58 8.18 10.04 -29.69
C THR B 58 7.23 8.84 -29.75
N CYS B 59 6.78 8.38 -28.58
CA CYS B 59 5.95 7.18 -28.49
C CYS B 59 4.69 7.42 -27.66
N ASN B 60 4.79 8.29 -26.65
CA ASN B 60 3.76 8.72 -25.71
C ASN B 60 3.38 7.66 -24.68
N TYR B 61 3.96 6.45 -24.73
CA TYR B 61 3.79 5.48 -23.66
C TYR B 61 5.10 4.74 -23.45
N VAL B 62 5.40 4.40 -22.20
CA VAL B 62 6.70 3.84 -21.83
C VAL B 62 6.49 2.60 -20.97
N VAL B 63 7.51 1.74 -20.94
CA VAL B 63 7.50 0.49 -20.19
C VAL B 63 8.55 0.58 -19.09
N ALA B 64 8.23 0.02 -17.92
CA ALA B 64 9.14 -0.01 -16.79
C ALA B 64 9.48 -1.45 -16.44
N SER B 65 10.75 -1.70 -16.15
CA SER B 65 11.23 -3.03 -15.81
C SER B 65 12.31 -2.93 -14.75
N ASN B 66 12.38 -3.96 -13.92
CA ASN B 66 13.42 -4.08 -12.90
C ASN B 66 14.60 -4.94 -13.36
N MET B 67 14.58 -5.39 -14.61
CA MET B 67 15.67 -6.17 -15.21
C MET B 67 15.91 -7.49 -14.48
N ALA B 68 14.88 -8.03 -13.84
CA ALA B 68 14.98 -9.38 -13.29
C ALA B 68 14.85 -10.44 -14.39
N ASP B 69 14.21 -10.09 -15.50
CA ASP B 69 14.07 -10.97 -16.66
C ASP B 69 13.63 -10.10 -17.82
N ALA B 70 13.46 -10.72 -18.99
CA ALA B 70 13.09 -9.99 -20.19
C ALA B 70 11.76 -10.46 -20.76
N VAL B 71 10.83 -10.86 -19.88
CA VAL B 71 9.51 -11.31 -20.35
C VAL B 71 8.71 -10.14 -20.89
N LEU B 72 8.43 -9.17 -20.02
CA LEU B 72 7.70 -7.99 -20.44
C LEU B 72 8.45 -7.22 -21.52
N VAL B 73 9.77 -7.21 -21.44
CA VAL B 73 10.59 -6.56 -22.48
C VAL B 73 10.41 -7.27 -23.80
N ASP B 74 10.42 -8.60 -23.79
CA ASP B 74 10.19 -9.35 -25.03
C ASP B 74 8.82 -9.05 -25.61
N LEU B 75 7.79 -9.03 -24.78
CA LEU B 75 6.44 -8.77 -25.26
C LEU B 75 6.33 -7.36 -25.84
N ALA B 76 6.85 -6.36 -25.11
CA ALA B 76 6.78 -4.98 -25.57
C ALA B 76 7.57 -4.77 -26.85
N ALA B 77 8.70 -5.46 -27.01
CA ALA B 77 9.43 -5.38 -28.26
C ALA B 77 8.67 -6.06 -29.39
N LYS B 78 7.93 -7.13 -29.08
CA LYS B 78 7.14 -7.81 -30.10
C LYS B 78 5.99 -6.93 -30.58
N VAL B 79 5.40 -6.14 -29.69
CA VAL B 79 4.28 -5.30 -30.12
C VAL B 79 4.73 -3.97 -30.72
N ARG B 80 5.88 -3.43 -30.30
CA ARG B 80 6.37 -2.14 -30.78
C ARG B 80 7.89 -2.11 -30.69
N PRO B 81 8.58 -2.28 -31.81
CA PRO B 81 10.05 -2.16 -31.79
C PRO B 81 10.49 -0.75 -31.45
N GLY B 82 11.66 -0.66 -30.83
CA GLY B 82 12.18 0.62 -30.40
C GLY B 82 11.38 1.27 -29.29
N VAL B 83 10.59 0.48 -28.58
CA VAL B 83 9.76 1.03 -27.49
C VAL B 83 10.67 1.51 -26.36
N PRO B 84 10.35 2.61 -25.69
CA PRO B 84 11.18 3.05 -24.56
C PRO B 84 10.91 2.21 -23.33
N VAL B 85 12.00 1.91 -22.62
CA VAL B 85 11.96 1.06 -21.43
C VAL B 85 12.78 1.72 -20.34
N ILE B 86 12.17 1.90 -19.16
CA ILE B 86 12.79 2.62 -18.06
C ILE B 86 13.48 1.64 -17.12
N PHE B 87 14.67 2.01 -16.65
CA PHE B 87 15.34 1.25 -15.61
C PHE B 87 15.75 2.21 -14.50
N LEU B 88 15.29 1.95 -13.28
CA LEU B 88 15.57 2.81 -12.13
C LEU B 88 16.88 2.39 -11.49
N ASP B 89 17.98 3.01 -11.90
CA ASP B 89 19.30 2.69 -11.35
C ASP B 89 19.48 3.51 -10.07
N THR B 90 19.13 2.91 -8.95
CA THR B 90 19.24 3.58 -7.66
C THR B 90 20.67 3.63 -7.15
N GLY B 91 21.62 3.02 -7.86
CA GLY B 91 22.99 2.93 -7.38
C GLY B 91 23.22 1.89 -6.31
N TYR B 92 22.16 1.21 -5.86
CA TYR B 92 22.25 0.14 -4.86
C TYR B 92 21.96 -1.23 -5.47
N HIS B 93 22.07 -1.34 -6.80
CA HIS B 93 21.69 -2.56 -7.48
C HIS B 93 22.77 -3.62 -7.34
N PHE B 94 22.38 -4.88 -7.54
CA PHE B 94 23.36 -5.94 -7.69
C PHE B 94 24.14 -5.74 -8.98
N VAL B 95 25.40 -6.19 -8.98
CA VAL B 95 26.18 -6.13 -10.21
C VAL B 95 25.53 -7.01 -11.27
N GLU B 96 24.90 -8.11 -10.85
CA GLU B 96 24.23 -9.00 -11.78
C GLU B 96 23.03 -8.33 -12.44
N THR B 97 22.34 -7.43 -11.72
CA THR B 97 21.20 -6.73 -12.29
C THR B 97 21.65 -5.73 -13.35
N ILE B 98 22.73 -5.01 -13.10
CA ILE B 98 23.25 -4.09 -14.10
C ILE B 98 23.80 -4.86 -15.32
N GLY B 99 24.41 -6.02 -15.07
CA GLY B 99 24.85 -6.85 -16.18
C GLY B 99 23.70 -7.37 -17.03
N THR B 100 22.61 -7.76 -16.37
CA THR B 100 21.41 -8.17 -17.09
C THR B 100 20.82 -7.01 -17.87
N ARG B 101 20.82 -5.82 -17.28
CA ARG B 101 20.35 -4.64 -18.00
C ARG B 101 21.16 -4.41 -19.27
N ASP B 102 22.49 -4.49 -19.15
CA ASP B 102 23.34 -4.31 -20.33
C ASP B 102 23.08 -5.38 -21.37
N ALA B 103 22.90 -6.63 -20.93
CA ALA B 103 22.63 -7.71 -21.87
C ALA B 103 21.32 -7.49 -22.62
N ILE B 104 20.27 -7.07 -21.90
CA ILE B 104 18.99 -6.80 -22.55
C ILE B 104 19.11 -5.61 -23.50
N GLU B 105 19.86 -4.58 -23.08
CA GLU B 105 20.06 -3.42 -23.94
C GLU B 105 20.75 -3.81 -25.24
N SER B 106 21.69 -4.76 -25.16
CA SER B 106 22.41 -5.19 -26.35
C SER B 106 21.57 -6.11 -27.23
N VAL B 107 20.70 -6.92 -26.63
CA VAL B 107 19.95 -7.93 -27.38
C VAL B 107 18.67 -7.36 -27.98
N TYR B 108 17.79 -6.85 -27.14
CA TYR B 108 16.43 -6.53 -27.58
C TYR B 108 16.35 -5.17 -28.26
N ASP B 109 15.37 -5.06 -29.17
CA ASP B 109 15.13 -3.82 -29.91
C ASP B 109 14.23 -2.87 -29.11
N VAL B 110 14.83 -2.29 -28.08
CA VAL B 110 14.14 -1.38 -27.18
C VAL B 110 15.09 -0.22 -26.87
N ARG B 111 14.53 0.98 -26.80
CA ARG B 111 15.31 2.15 -26.39
C ARG B 111 15.24 2.20 -24.87
N VAL B 112 16.32 1.77 -24.21
CA VAL B 112 16.37 1.74 -22.76
C VAL B 112 16.88 3.08 -22.26
N LEU B 113 16.33 3.52 -21.13
CA LEU B 113 16.73 4.78 -20.51
C LEU B 113 17.00 4.52 -19.03
N ASN B 114 18.20 4.89 -18.60
CA ASN B 114 18.71 4.65 -17.25
C ASN B 114 18.37 5.85 -16.38
N VAL B 115 17.27 5.77 -15.65
CA VAL B 115 16.85 6.84 -14.75
C VAL B 115 17.65 6.73 -13.46
N THR B 116 18.46 7.76 -13.19
CA THR B 116 19.29 7.80 -12.00
C THR B 116 18.87 8.98 -11.13
N PRO B 117 18.91 8.83 -9.81
CA PRO B 117 18.56 9.95 -8.93
C PRO B 117 19.56 11.10 -9.05
N GLU B 118 19.11 12.29 -8.60
CA GLU B 118 19.93 13.48 -8.73
C GLU B 118 21.13 13.49 -7.81
N HIS B 119 21.13 12.67 -6.76
CA HIS B 119 22.24 12.59 -5.82
C HIS B 119 22.81 11.17 -5.83
N THR B 120 24.13 11.06 -5.91
CA THR B 120 24.78 9.77 -5.90
C THR B 120 24.71 9.15 -4.51
N VAL B 121 25.12 7.87 -4.42
CA VAL B 121 25.13 7.20 -3.13
C VAL B 121 26.02 7.93 -2.15
N ALA B 122 27.22 8.33 -2.59
CA ALA B 122 28.13 9.04 -1.71
C ALA B 122 27.55 10.41 -1.32
N GLU B 123 26.95 11.11 -2.28
CA GLU B 123 26.38 12.43 -1.98
C GLU B 123 25.26 12.33 -0.96
N GLN B 124 24.33 11.39 -1.15
CA GLN B 124 23.25 11.22 -0.18
C GLN B 124 23.78 10.72 1.15
N ASP B 125 24.83 9.89 1.15
CA ASP B 125 25.39 9.44 2.42
C ASP B 125 25.99 10.61 3.20
N GLU B 126 26.70 11.51 2.51
CA GLU B 126 27.30 12.65 3.20
C GLU B 126 26.25 13.68 3.61
N LEU B 127 25.18 13.80 2.84
CA LEU B 127 24.18 14.83 3.09
C LEU B 127 23.11 14.38 4.08
N LEU B 128 22.83 13.07 4.17
CA LEU B 128 21.72 12.58 4.98
C LEU B 128 22.12 11.32 5.74
N GLY B 129 23.40 11.15 6.05
CA GLY B 129 23.81 9.99 6.79
C GLY B 129 24.08 8.80 5.90
N LYS B 130 25.15 8.08 6.20
CA LYS B 130 25.52 6.92 5.40
C LYS B 130 24.49 5.82 5.57
N ASP B 131 24.16 5.15 4.47
CA ASP B 131 23.21 4.04 4.43
C ASP B 131 21.84 4.47 4.97
N LEU B 132 21.23 5.42 4.26
CA LEU B 132 19.92 5.91 4.65
C LEU B 132 18.85 4.83 4.57
N PHE B 133 19.06 3.79 3.78
CA PHE B 133 18.06 2.75 3.63
C PHE B 133 17.77 2.03 4.94
N ALA B 134 18.74 1.93 5.84
CA ALA B 134 18.51 1.21 7.09
C ALA B 134 17.84 2.07 8.14
N ARG B 135 18.11 3.38 8.12
CA ARG B 135 17.55 4.29 9.12
C ARG B 135 16.18 4.81 8.71
N ASN B 136 15.94 4.98 7.41
CA ASN B 136 14.62 5.39 6.91
C ASN B 136 14.45 4.90 5.49
N PRO B 137 13.85 3.72 5.29
CA PRO B 137 13.72 3.18 3.94
C PRO B 137 12.73 3.95 3.08
N HIS B 138 11.70 4.52 3.68
CA HIS B 138 10.68 5.24 2.92
C HIS B 138 11.29 6.43 2.20
N GLU B 139 12.11 7.21 2.91
CA GLU B 139 12.72 8.37 2.28
C GLU B 139 13.74 7.95 1.22
N CYS B 140 14.46 6.86 1.44
CA CYS B 140 15.39 6.37 0.43
C CYS B 140 14.66 5.98 -0.85
N CYS B 141 13.58 5.20 -0.70
CA CYS B 141 12.79 4.82 -1.87
C CYS B 141 12.18 6.05 -2.54
N ARG B 142 11.74 7.04 -1.75
CA ARG B 142 11.18 8.25 -2.33
C ARG B 142 12.21 9.03 -3.13
N LEU B 143 13.44 9.12 -2.61
CA LEU B 143 14.48 9.92 -3.25
C LEU B 143 15.05 9.23 -4.48
N ARG B 144 15.28 7.92 -4.42
CA ARG B 144 15.98 7.23 -5.49
C ARG B 144 15.06 6.50 -6.46
N LYS B 145 13.81 6.23 -6.07
CA LYS B 145 12.88 5.56 -6.97
C LYS B 145 11.67 6.39 -7.33
N VAL B 146 10.94 6.89 -6.33
CA VAL B 146 9.62 7.50 -6.58
C VAL B 146 9.76 8.83 -7.30
N VAL B 147 10.62 9.70 -6.78
CA VAL B 147 10.80 11.02 -7.39
C VAL B 147 11.38 10.93 -8.79
N PRO B 148 12.46 10.17 -9.05
CA PRO B 148 12.94 10.07 -10.43
C PRO B 148 11.93 9.43 -11.36
N LEU B 149 11.21 8.40 -10.87
CA LEU B 149 10.19 7.77 -11.70
C LEU B 149 9.11 8.77 -12.09
N GLY B 150 8.65 9.59 -11.14
CA GLY B 150 7.65 10.58 -11.47
C GLY B 150 8.17 11.64 -12.42
N LYS B 151 9.41 12.10 -12.19
CA LYS B 151 9.98 13.11 -13.07
C LYS B 151 10.12 12.59 -14.49
N THR B 152 10.35 11.28 -14.64
CA THR B 152 10.44 10.70 -15.97
C THR B 152 9.05 10.48 -16.58
N LEU B 153 8.10 10.01 -15.78
CA LEU B 153 6.76 9.71 -16.27
C LEU B 153 5.96 10.96 -16.59
N ARG B 154 6.35 12.12 -16.06
CA ARG B 154 5.67 13.36 -16.38
C ARG B 154 5.90 13.66 -17.86
N GLY B 155 4.89 13.39 -18.69
CA GLY B 155 5.03 13.52 -20.12
C GLY B 155 4.45 12.35 -20.88
N TYR B 156 4.34 11.20 -20.22
CA TYR B 156 3.78 9.99 -20.82
C TYR B 156 2.36 9.79 -20.33
N SER B 157 1.47 9.42 -21.26
CA SER B 157 0.07 9.23 -20.92
C SER B 157 -0.21 7.86 -20.33
N ALA B 158 0.67 6.90 -20.53
CA ALA B 158 0.47 5.55 -19.99
C ALA B 158 1.83 4.93 -19.72
N TRP B 159 1.84 3.95 -18.81
CA TRP B 159 3.05 3.19 -18.52
C TRP B 159 2.70 1.74 -18.23
N VAL B 160 3.61 0.85 -18.63
CA VAL B 160 3.39 -0.59 -18.56
C VAL B 160 4.36 -1.17 -17.54
N THR B 161 3.86 -2.01 -16.64
CA THR B 161 4.70 -2.68 -15.65
C THR B 161 4.44 -4.17 -15.70
N GLY B 162 5.43 -4.93 -15.25
CA GLY B 162 5.31 -6.38 -15.18
C GLY B 162 4.80 -6.84 -13.82
N LEU B 163 3.93 -6.05 -13.21
CA LEU B 163 3.40 -6.41 -11.90
C LEU B 163 2.49 -7.62 -12.04
N ARG B 164 2.73 -8.63 -11.22
CA ARG B 164 1.90 -9.82 -11.17
C ARG B 164 1.14 -9.86 -9.85
N ARG B 165 -0.12 -10.31 -9.90
CA ARG B 165 -0.92 -10.39 -8.69
C ARG B 165 -0.38 -11.40 -7.70
N VAL B 166 0.50 -12.31 -8.15
CA VAL B 166 1.08 -13.31 -7.27
C VAL B 166 2.30 -12.80 -6.53
N ASP B 167 2.72 -11.56 -6.81
CA ASP B 167 3.96 -11.04 -6.22
C ASP B 167 3.86 -10.96 -4.70
N ALA B 168 2.69 -10.65 -4.17
CA ALA B 168 2.50 -10.46 -2.74
C ALA B 168 1.02 -10.61 -2.42
N PRO B 169 0.67 -10.94 -1.18
CA PRO B 169 -0.75 -10.98 -0.81
C PRO B 169 -1.44 -9.64 -0.92
N THR B 170 -0.71 -8.55 -0.74
CA THR B 170 -1.28 -7.23 -0.87
C THR B 170 -1.52 -6.83 -2.33
N ARG B 171 -0.90 -7.54 -3.27
CA ARG B 171 -1.05 -7.24 -4.69
C ARG B 171 -2.07 -8.15 -5.37
N ALA B 172 -2.91 -8.85 -4.59
CA ALA B 172 -3.80 -9.86 -5.15
C ALA B 172 -4.91 -9.27 -6.00
N ASN B 173 -5.32 -8.02 -5.74
CA ASN B 173 -6.39 -7.38 -6.48
C ASN B 173 -5.86 -6.35 -7.47
N ALA B 174 -4.63 -6.53 -7.93
CA ALA B 174 -4.03 -5.59 -8.87
C ALA B 174 -4.86 -5.52 -10.15
N PRO B 175 -5.33 -4.34 -10.54
CA PRO B 175 -6.18 -4.24 -11.73
C PRO B 175 -5.37 -4.31 -13.00
N LEU B 176 -6.04 -4.77 -14.06
CA LEU B 176 -5.40 -4.85 -15.37
C LEU B 176 -5.06 -3.46 -15.90
N VAL B 177 -6.04 -2.56 -15.89
CA VAL B 177 -5.85 -1.17 -16.28
C VAL B 177 -6.48 -0.29 -15.21
N SER B 178 -5.78 0.77 -14.83
CA SER B 178 -6.28 1.69 -13.82
C SER B 178 -5.64 3.07 -14.02
N PHE B 179 -5.99 3.99 -13.14
CA PHE B 179 -5.46 5.36 -13.17
C PHE B 179 -4.53 5.52 -11.97
N ASP B 180 -3.23 5.50 -12.23
CA ASP B 180 -2.24 5.76 -11.20
C ASP B 180 -2.40 7.17 -10.66
N GLU B 181 -2.76 7.24 -9.37
CA GLU B 181 -2.96 8.52 -8.69
C GLU B 181 -1.65 9.12 -8.23
N THR B 182 -0.63 8.29 -7.98
CA THR B 182 0.66 8.80 -7.54
C THR B 182 1.29 9.68 -8.61
N PHE B 183 1.22 9.23 -9.86
CA PHE B 183 1.74 9.97 -11.00
C PHE B 183 0.65 10.48 -11.91
N LYS B 184 -0.62 10.17 -11.62
CA LYS B 184 -1.78 10.70 -12.34
C LYS B 184 -1.68 10.40 -13.84
N LEU B 185 -1.69 9.10 -14.16
CA LEU B 185 -1.65 8.69 -15.56
C LEU B 185 -2.24 7.28 -15.65
N VAL B 186 -2.10 6.63 -16.79
CA VAL B 186 -2.71 5.32 -17.03
C VAL B 186 -1.70 4.22 -16.73
N LYS B 187 -2.12 3.21 -15.97
CA LYS B 187 -1.26 2.10 -15.58
C LYS B 187 -1.90 0.80 -16.06
N VAL B 188 -1.14 0.02 -16.82
CA VAL B 188 -1.60 -1.25 -17.36
C VAL B 188 -0.65 -2.35 -16.93
N ASN B 189 -1.19 -3.42 -16.35
CA ASN B 189 -0.42 -4.55 -15.82
C ASN B 189 -0.77 -5.78 -16.63
N PRO B 190 -0.02 -6.07 -17.71
CA PRO B 190 -0.37 -7.23 -18.54
C PRO B 190 -0.14 -8.55 -17.83
N LEU B 191 0.91 -8.66 -17.02
CA LEU B 191 1.27 -9.91 -16.37
C LEU B 191 0.53 -10.12 -15.07
N ALA B 192 -0.58 -9.42 -14.85
CA ALA B 192 -1.32 -9.55 -13.60
C ALA B 192 -1.82 -10.98 -13.43
N ALA B 193 -2.46 -11.53 -14.46
CA ALA B 193 -3.04 -12.86 -14.39
C ALA B 193 -2.01 -13.98 -14.51
N TRP B 194 -0.74 -13.65 -14.70
CA TRP B 194 0.27 -14.69 -14.89
C TRP B 194 0.65 -15.32 -13.57
N THR B 195 0.86 -16.63 -13.58
CA THR B 195 1.32 -17.38 -12.43
C THR B 195 2.81 -17.67 -12.57
N ASP B 196 3.37 -18.34 -11.55
CA ASP B 196 4.77 -18.73 -11.62
C ASP B 196 5.00 -19.74 -12.74
N GLN B 197 4.09 -20.72 -12.87
CA GLN B 197 4.20 -21.67 -13.97
C GLN B 197 4.08 -20.97 -15.31
N ASP B 198 3.23 -19.94 -15.39
CA ASP B 198 3.08 -19.19 -16.63
C ASP B 198 4.39 -18.55 -17.04
N VAL B 199 5.03 -17.83 -16.12
CA VAL B 199 6.27 -17.15 -16.43
C VAL B 199 7.37 -18.17 -16.74
N GLN B 200 7.39 -19.29 -16.03
CA GLN B 200 8.37 -20.33 -16.31
C GLN B 200 8.20 -20.89 -17.72
N GLU B 201 6.96 -21.22 -18.10
CA GLU B 201 6.70 -21.75 -19.43
C GLU B 201 7.03 -20.73 -20.50
N TYR B 202 6.79 -19.45 -20.24
CA TYR B 202 7.11 -18.43 -21.22
C TYR B 202 8.62 -18.27 -21.40
N ILE B 203 9.37 -18.27 -20.30
CA ILE B 203 10.83 -18.19 -20.39
C ILE B 203 11.37 -19.40 -21.13
N ALA B 204 10.79 -20.57 -20.87
CA ALA B 204 11.24 -21.79 -21.54
C ALA B 204 10.96 -21.74 -23.03
N ASP B 205 9.74 -21.35 -23.41
CA ASP B 205 9.32 -21.41 -24.81
C ASP B 205 9.90 -20.31 -25.66
N ASN B 206 10.41 -19.23 -25.06
CA ASN B 206 10.93 -18.10 -25.82
C ASN B 206 12.41 -17.83 -25.60
N ASP B 207 13.08 -18.55 -24.71
CA ASP B 207 14.52 -18.40 -24.49
C ASP B 207 14.86 -16.94 -24.20
N VAL B 208 14.19 -16.37 -23.22
CA VAL B 208 14.40 -14.97 -22.83
C VAL B 208 15.45 -14.93 -21.74
N LEU B 209 16.13 -13.78 -21.65
CA LEU B 209 17.21 -13.63 -20.69
C LEU B 209 16.65 -13.56 -19.28
N VAL B 210 17.43 -14.04 -18.33
CA VAL B 210 17.04 -14.07 -16.92
C VAL B 210 18.23 -13.64 -16.08
N ASN B 211 17.95 -12.81 -15.07
CA ASN B 211 19.00 -12.39 -14.14
C ASN B 211 19.57 -13.61 -13.44
N PRO B 212 20.90 -13.75 -13.40
CA PRO B 212 21.50 -14.93 -12.73
C PRO B 212 21.08 -15.13 -11.29
N LEU B 213 20.75 -14.06 -10.56
CA LEU B 213 20.36 -14.21 -9.16
C LEU B 213 19.10 -15.05 -8.99
N VAL B 214 18.20 -15.03 -9.99
CA VAL B 214 17.02 -15.89 -9.91
C VAL B 214 17.44 -17.36 -9.90
N ARG B 215 18.41 -17.73 -10.73
CA ARG B 215 18.93 -19.09 -10.71
C ARG B 215 19.65 -19.39 -9.39
N GLU B 216 20.20 -18.38 -8.73
CA GLU B 216 20.93 -18.55 -7.49
C GLU B 216 20.05 -18.36 -6.26
N GLY B 217 18.76 -18.71 -6.37
CA GLY B 217 17.83 -18.64 -5.27
C GLY B 217 17.43 -17.25 -4.82
N TYR B 218 16.79 -16.49 -5.71
CA TYR B 218 16.27 -15.17 -5.37
C TYR B 218 14.87 -15.07 -5.94
N PRO B 219 13.84 -14.99 -5.11
CA PRO B 219 12.48 -14.92 -5.64
C PRO B 219 12.22 -13.65 -6.43
N SER B 220 12.53 -12.50 -5.83
CA SER B 220 12.44 -11.21 -6.47
C SER B 220 13.79 -10.52 -6.40
N ILE B 221 13.99 -9.52 -7.25
CA ILE B 221 15.26 -8.80 -7.34
C ILE B 221 14.99 -7.30 -7.29
N GLY B 222 15.54 -6.63 -6.27
CA GLY B 222 15.48 -5.20 -6.17
C GLY B 222 16.86 -4.65 -5.81
N CYS B 223 16.87 -3.59 -5.00
CA CYS B 223 18.14 -3.07 -4.53
C CYS B 223 18.81 -4.10 -3.64
N ALA B 224 20.14 -4.11 -3.67
CA ALA B 224 20.88 -5.10 -2.89
C ALA B 224 20.63 -5.01 -1.39
N PRO B 225 20.59 -3.82 -0.77
CA PRO B 225 20.37 -3.79 0.69
C PRO B 225 18.97 -4.17 1.10
N CYS B 226 17.99 -4.07 0.20
CA CYS B 226 16.59 -4.31 0.54
C CYS B 226 16.02 -5.48 -0.24
N THR B 227 16.83 -6.53 -0.42
CA THR B 227 16.41 -7.74 -1.10
C THR B 227 16.71 -8.93 -0.22
N ALA B 228 15.71 -9.79 -0.01
CA ALA B 228 15.86 -10.92 0.90
C ALA B 228 16.87 -11.91 0.34
N LYS B 229 18.02 -12.03 1.02
CA LYS B 229 19.00 -13.04 0.67
C LYS B 229 18.52 -14.41 1.14
N PRO B 230 18.68 -15.46 0.34
CA PRO B 230 18.16 -16.77 0.74
C PRO B 230 18.86 -17.37 1.94
N ALA B 231 20.19 -17.27 1.99
CA ALA B 231 20.96 -17.81 3.11
C ALA B 231 22.31 -17.10 3.22
#